data_6RJQ
#
_entry.id   6RJQ
#
_cell.length_a   81.050
_cell.length_b   112.090
_cell.length_c   62.650
_cell.angle_alpha   90.00
_cell.angle_beta   90.00
_cell.angle_gamma   90.00
#
_symmetry.space_group_name_H-M   'C 2 2 21'
#
loop_
_entity.id
_entity.type
_entity.pdbx_description
1 polymer '14-3-3 protein sigma'
2 polymer TAZpS89
3 non-polymer 4-[[(2~{S})-1-azanylpropan-2-yl]amino]-6-(sulfanylmethyl)-1-benzothiophene-2-carboximidamide
4 water water
#
loop_
_entity_poly.entity_id
_entity_poly.type
_entity_poly.pdbx_seq_one_letter_code
_entity_poly.pdbx_strand_id
1 'polypeptide(L)'
;GAMGSMERASLIQKAKLAEQAERYEDMAAFMKGAVEKGEELSCEERNLLSVAYKNVVGGQRAAWRVLSSIEQKSNEEGSE
EKGPEVREYREKVETELQGVCDTVLGLLDSHLIKEAGDAESRVFYLKMKGDYYRYLAEVATGDDKKRIIDSARSAYQEAM
DISKKEMPPTNPIRLGLALNFSVFHYEIANSPEEAISLAKTTFDEAMADLHTLSEDSYKDSTLIMQLLRDNLTLWTADNA
GEEGGEAPQEPQS
;
A
2 'polypeptide(L)' RSH(SEP)SPASLQLGT P
#
loop_
_chem_comp.id
_chem_comp.type
_chem_comp.name
_chem_comp.formula
JT2 non-polymer 4-[[(2~{S})-1-azanylpropan-2-yl]amino]-6-(sulfanylmethyl)-1-benzothiophene-2-carboximidamide 'C13 H18 N4 S2'
#
# COMPACT_ATOMS: atom_id res chain seq x y z
N GLY A 1 -20.75 11.52 -6.69
CA GLY A 1 -19.36 11.99 -6.97
C GLY A 1 -19.30 12.86 -8.20
N ALA A 2 -18.30 13.73 -8.26
CA ALA A 2 -18.16 14.60 -9.41
C ALA A 2 -17.78 13.86 -10.67
N MET A 3 -17.49 12.55 -10.59
CA MET A 3 -17.17 11.79 -11.80
C MET A 3 -18.37 11.01 -12.28
N GLY A 4 -19.53 11.23 -11.66
CA GLY A 4 -20.69 10.43 -11.97
C GLY A 4 -21.17 10.58 -13.41
N SER A 5 -20.95 11.75 -14.00
CA SER A 5 -21.44 12.01 -15.35
C SER A 5 -20.46 11.57 -16.44
N MET A 6 -19.25 11.14 -16.09
CA MET A 6 -18.27 10.74 -17.09
C MET A 6 -18.33 9.24 -17.31
N GLU A 7 -18.21 8.83 -18.57
CA GLU A 7 -18.14 7.42 -18.93
C GLU A 7 -16.99 6.71 -18.24
N ARG A 8 -17.24 5.45 -17.89
CA ARG A 8 -16.17 4.59 -17.36
C ARG A 8 -14.92 4.59 -18.24
N ALA A 9 -15.08 4.34 -19.56
CA ALA A 9 -13.90 4.25 -20.42
C ALA A 9 -13.14 5.58 -20.46
N SER A 10 -13.87 6.70 -20.44
CA SER A 10 -13.22 8.01 -20.45
C SER A 10 -12.43 8.26 -19.18
N LEU A 11 -12.97 7.86 -18.03
CA LEU A 11 -12.26 7.95 -16.77
C LEU A 11 -10.95 7.15 -16.81
N ILE A 12 -11.00 5.94 -17.34
CA ILE A 12 -9.78 5.14 -17.42
C ILE A 12 -8.78 5.80 -18.36
N GLN A 13 -9.25 6.26 -19.50
CA GLN A 13 -8.38 6.97 -20.45
C GLN A 13 -7.71 8.16 -19.80
N LYS A 14 -8.48 8.95 -19.07
CA LYS A 14 -7.95 10.15 -18.42
C LYS A 14 -7.05 9.82 -17.25
N ALA A 15 -7.31 8.72 -16.53
CA ALA A 15 -6.38 8.28 -15.50
C ALA A 15 -5.01 8.02 -16.10
N LYS A 16 -4.99 7.37 -17.27
CA LYS A 16 -3.73 7.09 -17.93
C LYS A 16 -3.06 8.37 -18.41
N LEU A 17 -3.85 9.33 -18.90
CA LEU A 17 -3.29 10.64 -19.27
C LEU A 17 -2.72 11.37 -18.05
N ALA A 18 -3.45 11.35 -16.93
CA ALA A 18 -2.97 12.01 -15.73
C ALA A 18 -1.68 11.37 -15.23
N GLU A 19 -1.56 10.05 -15.34
CA GLU A 19 -0.31 9.39 -14.98
C GLU A 19 0.84 9.90 -15.84
N GLN A 20 0.62 10.02 -17.16
CA GLN A 20 1.66 10.55 -18.03
C GLN A 20 2.04 11.97 -17.61
N ALA A 21 1.08 12.76 -17.16
CA ALA A 21 1.29 14.15 -16.78
C ALA A 21 1.78 14.30 -15.35
N GLU A 22 1.96 13.18 -14.65
CA GLU A 22 2.30 13.17 -13.23
C GLU A 22 1.31 14.00 -12.41
N ARG A 23 0.03 13.91 -12.77
CA ARG A 23 -1.06 14.53 -12.02
C ARG A 23 -1.78 13.43 -11.22
N TYR A 24 -1.15 13.02 -10.12
CA TYR A 24 -1.67 11.86 -9.41
C TYR A 24 -2.95 12.14 -8.64
N GLU A 25 -3.17 13.37 -8.17
CA GLU A 25 -4.46 13.68 -7.56
C GLU A 25 -5.59 13.52 -8.56
N ASP A 26 -5.39 13.99 -9.79
CA ASP A 26 -6.38 13.79 -10.85
C ASP A 26 -6.56 12.32 -11.13
N MET A 27 -5.45 11.61 -11.23
CA MET A 27 -5.48 10.20 -11.54
C MET A 27 -6.30 9.44 -10.51
N ALA A 28 -6.11 9.75 -9.23
CA ALA A 28 -6.88 9.09 -8.18
C ALA A 28 -8.37 9.43 -8.27
N ALA A 29 -8.70 10.68 -8.61
CA ALA A 29 -10.12 11.04 -8.72
C ALA A 29 -10.78 10.31 -9.88
N PHE A 30 -10.08 10.21 -11.01
CA PHE A 30 -10.59 9.48 -12.16
C PHE A 30 -10.81 8.00 -11.81
N MET A 31 -9.85 7.39 -11.12
CA MET A 31 -9.98 5.97 -10.79
C MET A 31 -11.05 5.72 -9.73
N LYS A 32 -11.20 6.63 -8.75
CA LYS A 32 -12.32 6.55 -7.83
C LYS A 32 -13.64 6.53 -8.60
N GLY A 33 -13.79 7.49 -9.52
CA GLY A 33 -14.97 7.53 -10.37
C GLY A 33 -15.17 6.24 -11.17
N ALA A 34 -14.09 5.69 -11.71
CA ALA A 34 -14.22 4.43 -12.43
C ALA A 34 -14.68 3.30 -11.51
N VAL A 35 -14.10 3.19 -10.31
CA VAL A 35 -14.54 2.17 -9.37
C VAL A 35 -16.03 2.32 -9.07
N GLU A 36 -16.47 3.55 -8.85
CA GLU A 36 -17.85 3.80 -8.43
C GLU A 36 -18.84 3.49 -9.53
N LYS A 37 -18.39 3.23 -10.77
CA LYS A 37 -19.29 2.71 -11.80
C LYS A 37 -19.81 1.33 -11.44
N GLY A 38 -19.18 0.64 -10.50
CA GLY A 38 -19.70 -0.62 -10.01
C GLY A 38 -19.26 -1.85 -10.76
N GLU A 39 -18.48 -1.71 -11.81
CA GLU A 39 -17.98 -2.87 -12.53
C GLU A 39 -16.64 -3.29 -11.96
N GLU A 40 -16.30 -4.55 -12.17
CA GLU A 40 -15.04 -5.07 -11.69
C GLU A 40 -13.89 -4.45 -12.47
N LEU A 41 -12.76 -4.38 -11.80
CA LEU A 41 -11.57 -3.81 -12.42
C LEU A 41 -10.74 -4.91 -13.03
N SER A 42 -10.19 -4.62 -14.20
CA SER A 42 -9.18 -5.50 -14.78
C SER A 42 -7.84 -5.40 -14.04
N CYS A 43 -6.89 -6.23 -14.42
CA CYS A 43 -5.58 -6.17 -13.81
C CYS A 43 -4.93 -4.80 -14.03
N GLU A 44 -5.03 -4.31 -15.26
CA GLU A 44 -4.48 -3.01 -15.57
C GLU A 44 -5.15 -1.92 -14.77
N GLU A 45 -6.48 -1.97 -14.68
CA GLU A 45 -7.20 -0.93 -13.95
C GLU A 45 -6.90 -0.97 -12.46
N ARG A 46 -6.80 -2.17 -11.87
CA ARG A 46 -6.37 -2.28 -10.48
C ARG A 46 -5.02 -1.61 -10.28
N ASN A 47 -4.12 -1.79 -11.23
CA ASN A 47 -2.81 -1.17 -11.06
C ASN A 47 -2.92 0.34 -11.18
N LEU A 48 -3.80 0.84 -12.05
CA LEU A 48 -3.95 2.28 -12.16
C LEU A 48 -4.45 2.86 -10.84
N LEU A 49 -5.43 2.20 -10.22
CA LEU A 49 -5.96 2.61 -8.91
C LEU A 49 -4.84 2.67 -7.89
N SER A 50 -4.05 1.60 -7.82
CA SER A 50 -3.00 1.52 -6.82
C SER A 50 -1.94 2.59 -7.05
N VAL A 51 -1.49 2.77 -8.29
CA VAL A 51 -0.49 3.80 -8.61
C VAL A 51 -0.99 5.19 -8.19
N ALA A 52 -2.24 5.51 -8.55
CA ALA A 52 -2.76 6.83 -8.24
C ALA A 52 -2.71 7.09 -6.74
N TYR A 53 -3.37 6.25 -5.96
CA TYR A 53 -3.44 6.50 -4.52
C TYR A 53 -2.09 6.29 -3.84
N LYS A 54 -1.23 5.43 -4.37
CA LYS A 54 0.04 5.25 -3.70
C LYS A 54 0.89 6.51 -3.83
N ASN A 55 0.82 7.14 -4.99
CA ASN A 55 1.53 8.39 -5.18
C ASN A 55 0.92 9.50 -4.31
N VAL A 56 -0.40 9.58 -4.26
CA VAL A 56 -1.03 10.62 -3.44
C VAL A 56 -0.63 10.42 -1.99
N VAL A 57 -0.85 9.23 -1.45
CA VAL A 57 -0.56 9.03 -0.04
C VAL A 57 0.95 9.07 0.22
N GLY A 58 1.76 8.71 -0.78
CA GLY A 58 3.20 8.76 -0.58
C GLY A 58 3.71 10.17 -0.35
N GLY A 59 3.16 11.14 -1.07
CA GLY A 59 3.54 12.52 -0.83
C GLY A 59 3.13 12.98 0.54
N GLN A 60 1.96 12.54 1.00
CA GLN A 60 1.48 12.88 2.33
C GLN A 60 2.35 12.24 3.40
N ARG A 61 2.72 10.97 3.21
CA ARG A 61 3.58 10.31 4.19
C ARG A 61 4.93 10.97 4.27
N ALA A 62 5.50 11.36 3.12
CA ALA A 62 6.80 12.03 3.13
C ALA A 62 6.73 13.37 3.84
N ALA A 63 5.69 14.16 3.56
CA ALA A 63 5.46 15.42 4.28
C ALA A 63 5.28 15.18 5.78
N TRP A 64 4.45 14.21 6.17
CA TRP A 64 4.20 13.94 7.59
C TRP A 64 5.51 13.58 8.30
N ARG A 65 6.38 12.82 7.65
CA ARG A 65 7.65 12.45 8.26
C ARG A 65 8.55 13.67 8.44
N VAL A 66 8.64 14.52 7.40
CA VAL A 66 9.38 15.79 7.53
C VAL A 66 8.85 16.57 8.73
N LEU A 67 7.53 16.76 8.77
CA LEU A 67 6.95 17.62 9.81
C LEU A 67 7.06 17.00 11.19
N SER A 68 6.79 15.70 11.29
CA SER A 68 6.89 15.00 12.57
C SER A 68 8.31 15.10 13.13
N SER A 69 9.31 15.03 12.25
CA SER A 69 10.68 15.16 12.71
C SER A 69 10.94 16.56 13.28
N ILE A 70 10.54 17.59 12.53
CA ILE A 70 10.63 18.96 13.03
C ILE A 70 9.97 19.06 14.38
N GLU A 71 8.75 18.52 14.48
CA GLU A 71 7.97 18.64 15.71
C GLU A 71 8.69 17.96 16.88
N GLN A 72 9.28 16.79 16.64
CA GLN A 72 9.96 16.07 17.71
C GLN A 72 11.18 16.84 18.22
N LYS A 73 11.86 17.59 17.34
CA LYS A 73 13.04 18.32 17.72
C LYS A 73 12.71 19.64 18.43
N SER A 74 11.62 20.30 18.03
CA SER A 74 11.12 21.45 18.79
C SER A 74 10.58 21.05 20.15
N ASN A 75 10.53 19.75 20.46
CA ASN A 75 10.15 19.24 21.77
C ASN A 75 11.31 18.57 22.49
N GLU A 76 12.55 18.78 22.03
CA GLU A 76 13.72 18.21 22.69
C GLU A 76 14.19 19.15 23.81
N GLU A 77 15.05 18.61 24.68
CA GLU A 77 15.58 19.39 25.79
C GLU A 77 16.40 20.56 25.27
N GLY A 78 16.07 21.76 25.75
CA GLY A 78 16.78 22.97 25.36
C GLY A 78 16.35 23.55 24.03
N SER A 79 15.49 22.86 23.27
CA SER A 79 14.99 23.36 22.00
C SER A 79 13.77 24.25 22.26
N GLU A 80 13.93 25.55 22.02
CA GLU A 80 12.85 26.51 22.21
C GLU A 80 11.55 26.02 21.58
N GLU A 81 10.41 26.56 22.01
CA GLU A 81 9.10 26.18 21.49
C GLU A 81 8.57 27.34 20.64
N LYS A 82 8.46 27.10 19.34
CA LYS A 82 8.04 28.12 18.39
C LYS A 82 6.51 28.22 18.26
N GLY A 83 5.77 27.76 19.27
CA GLY A 83 4.32 27.87 19.24
C GLY A 83 3.66 26.67 18.61
N PRO A 84 2.36 26.79 18.33
CA PRO A 84 1.57 25.64 17.89
C PRO A 84 1.70 25.29 16.41
N GLU A 85 2.48 26.04 15.63
CA GLU A 85 2.34 25.99 14.18
C GLU A 85 2.82 24.65 13.61
N VAL A 86 3.90 24.10 14.12
CA VAL A 86 4.39 22.83 13.60
C VAL A 86 3.39 21.71 13.86
N ARG A 87 2.90 21.62 15.09
CA ARG A 87 1.89 20.62 15.41
C ARG A 87 0.64 20.80 14.57
N GLU A 88 0.18 22.05 14.42
CA GLU A 88 -1.03 22.31 13.66
C GLU A 88 -0.88 21.79 12.24
N TYR A 89 0.22 22.13 11.62
CA TYR A 89 0.39 21.78 10.21
C TYR A 89 0.62 20.28 10.05
N ARG A 90 1.37 19.66 10.96
CA ARG A 90 1.46 18.21 10.96
C ARG A 90 0.08 17.58 11.08
N GLU A 91 -0.77 18.11 11.98
CA GLU A 91 -2.12 17.61 12.11
C GLU A 91 -2.94 17.78 10.84
N LYS A 92 -2.79 18.93 10.15
CA LYS A 92 -3.47 19.11 8.88
C LYS A 92 -3.07 18.03 7.87
N VAL A 93 -1.78 17.81 7.70
CA VAL A 93 -1.34 16.80 6.75
C VAL A 93 -1.83 15.43 7.19
N GLU A 94 -1.75 15.15 8.48
CA GLU A 94 -2.22 13.87 9.02
C GLU A 94 -3.67 13.63 8.67
N THR A 95 -4.50 14.66 8.85
CA THR A 95 -5.93 14.51 8.62
C THR A 95 -6.22 14.27 7.14
N GLU A 96 -5.49 14.95 6.26
CA GLU A 96 -5.65 14.72 4.84
C GLU A 96 -5.20 13.32 4.46
N LEU A 97 -4.09 12.85 5.05
CA LEU A 97 -3.65 11.47 4.81
C LEU A 97 -4.69 10.48 5.28
N GLN A 98 -5.26 10.72 6.46
CA GLN A 98 -6.30 9.86 6.98
C GLN A 98 -7.53 9.83 6.08
N GLY A 99 -7.88 10.98 5.50
CA GLY A 99 -9.00 11.02 4.57
C GLY A 99 -8.76 10.23 3.31
N VAL A 100 -7.52 10.21 2.81
CA VAL A 100 -7.21 9.43 1.63
C VAL A 100 -7.32 7.94 1.96
N CYS A 101 -6.79 7.52 3.12
CA CYS A 101 -6.87 6.13 3.53
C CYS A 101 -8.33 5.71 3.66
N ASP A 102 -9.13 6.54 4.34
CA ASP A 102 -10.58 6.32 4.48
C ASP A 102 -11.26 6.14 3.14
N THR A 103 -10.93 6.98 2.16
CA THR A 103 -11.51 6.88 0.83
C THR A 103 -11.17 5.56 0.16
N VAL A 104 -9.90 5.17 0.20
CA VAL A 104 -9.48 3.91 -0.43
C VAL A 104 -10.14 2.74 0.27
N LEU A 105 -10.02 2.70 1.59
CA LEU A 105 -10.64 1.63 2.35
C LEU A 105 -12.12 1.55 2.06
N GLY A 106 -12.78 2.70 1.88
CA GLY A 106 -14.19 2.69 1.51
C GLY A 106 -14.47 2.07 0.16
N LEU A 107 -13.59 2.30 -0.83
CA LEU A 107 -13.77 1.67 -2.14
C LEU A 107 -13.61 0.16 -2.03
N LEU A 108 -12.60 -0.27 -1.27
CA LEU A 108 -12.38 -1.70 -1.08
C LEU A 108 -13.57 -2.36 -0.40
N ASP A 109 -14.17 -1.69 0.57
CA ASP A 109 -15.26 -2.29 1.33
C ASP A 109 -16.60 -2.14 0.65
N SER A 110 -16.72 -1.28 -0.39
CA SER A 110 -17.97 -0.99 -1.08
C SER A 110 -17.70 -0.81 -2.57
N HIS A 111 -17.49 -1.91 -3.32
CA HIS A 111 -17.63 -3.31 -2.91
C HIS A 111 -16.56 -4.20 -3.54
N LEU A 112 -15.36 -3.66 -3.72
CA LEU A 112 -14.33 -4.34 -4.48
C LEU A 112 -14.01 -5.72 -3.89
N ILE A 113 -13.81 -5.79 -2.57
CA ILE A 113 -13.36 -7.05 -1.98
C ILE A 113 -14.44 -8.12 -2.11
N LYS A 114 -15.68 -7.76 -1.80
CA LYS A 114 -16.70 -8.82 -1.78
C LYS A 114 -17.00 -9.34 -3.17
N GLU A 115 -16.91 -8.48 -4.20
CA GLU A 115 -17.18 -8.90 -5.57
C GLU A 115 -15.97 -9.52 -6.25
N ALA A 116 -14.78 -9.45 -5.65
CA ALA A 116 -13.59 -10.00 -6.30
C ALA A 116 -13.72 -11.51 -6.41
N GLY A 117 -13.86 -12.01 -7.64
CA GLY A 117 -14.16 -13.41 -7.87
C GLY A 117 -12.98 -14.28 -8.26
N ASP A 118 -11.76 -13.74 -8.22
CA ASP A 118 -10.50 -14.41 -8.51
C ASP A 118 -9.60 -14.31 -7.29
N ALA A 119 -8.70 -15.29 -7.14
CA ALA A 119 -7.64 -15.15 -6.15
C ALA A 119 -6.78 -13.91 -6.40
N GLU A 120 -6.42 -13.65 -7.66
CA GLU A 120 -5.54 -12.53 -7.97
C GLU A 120 -6.20 -11.20 -7.65
N SER A 121 -7.49 -11.04 -7.96
CA SER A 121 -8.13 -9.79 -7.62
C SER A 121 -8.36 -9.69 -6.11
N ARG A 122 -8.81 -10.78 -5.48
CA ARG A 122 -9.11 -10.71 -4.06
C ARG A 122 -7.83 -10.48 -3.23
N VAL A 123 -6.74 -11.15 -3.57
CA VAL A 123 -5.47 -10.87 -2.89
C VAL A 123 -5.02 -9.44 -3.13
N PHE A 124 -5.11 -8.96 -4.37
CA PHE A 124 -4.69 -7.57 -4.62
C PHE A 124 -5.43 -6.59 -3.70
N TYR A 125 -6.75 -6.75 -3.58
CA TYR A 125 -7.54 -5.80 -2.81
C TYR A 125 -7.30 -5.98 -1.32
N LEU A 126 -7.20 -7.22 -0.85
CA LEU A 126 -6.89 -7.43 0.56
C LEU A 126 -5.51 -6.90 0.91
N LYS A 127 -4.51 -7.07 0.03
CA LYS A 127 -3.22 -6.44 0.28
C LYS A 127 -3.35 -4.92 0.39
N MET A 128 -4.17 -4.32 -0.47
CA MET A 128 -4.34 -2.88 -0.43
C MET A 128 -5.01 -2.46 0.87
N LYS A 129 -5.98 -3.24 1.34
CA LYS A 129 -6.62 -2.96 2.61
C LYS A 129 -5.59 -2.98 3.73
N GLY A 130 -4.74 -3.98 3.74
CA GLY A 130 -3.66 -4.00 4.72
C GLY A 130 -2.74 -2.81 4.58
N ASP A 131 -2.39 -2.45 3.35
CA ASP A 131 -1.48 -1.33 3.17
C ASP A 131 -2.06 -0.04 3.73
N TYR A 132 -3.33 0.24 3.44
CA TYR A 132 -3.87 1.52 3.85
C TYR A 132 -4.21 1.55 5.35
N TYR A 133 -4.56 0.42 5.97
CA TYR A 133 -4.55 0.39 7.43
C TYR A 133 -3.15 0.61 7.98
N ARG A 134 -2.12 0.09 7.30
CA ARG A 134 -0.74 0.35 7.76
C ARG A 134 -0.41 1.84 7.70
N TYR A 135 -0.81 2.51 6.62
CA TYR A 135 -0.54 3.93 6.56
C TYR A 135 -1.28 4.69 7.67
N LEU A 136 -2.52 4.30 7.96
CA LEU A 136 -3.19 4.86 9.15
C LEU A 136 -2.39 4.54 10.42
N ALA A 137 -1.89 3.31 10.56
CA ALA A 137 -1.14 2.95 11.77
C ALA A 137 0.10 3.83 11.95
N GLU A 138 0.73 4.25 10.86
CA GLU A 138 1.97 4.98 10.98
C GLU A 138 1.77 6.29 11.73
N VAL A 139 0.57 6.86 11.66
CA VAL A 139 0.25 8.14 12.30
C VAL A 139 -0.71 7.98 13.48
N ALA A 140 -1.11 6.76 13.82
CA ALA A 140 -2.06 6.55 14.91
C ALA A 140 -1.38 6.63 16.26
N THR A 141 -2.14 7.07 17.27
CA THR A 141 -1.62 7.05 18.64
C THR A 141 -2.60 6.42 19.62
N GLY A 142 -3.62 7.17 20.03
CA GLY A 142 -4.33 6.86 21.26
C GLY A 142 -5.51 5.93 21.17
N ASP A 143 -5.36 4.70 21.67
CA ASP A 143 -6.49 3.83 21.98
C ASP A 143 -7.13 3.24 20.74
N ASP A 144 -6.81 3.80 19.57
CA ASP A 144 -7.21 3.22 18.30
C ASP A 144 -6.00 2.68 17.53
N LYS A 145 -4.78 2.96 17.98
CA LYS A 145 -3.62 2.46 17.27
C LYS A 145 -3.67 0.95 17.22
N LYS A 146 -3.90 0.31 18.37
CA LYS A 146 -3.89 -1.15 18.42
C LYS A 146 -4.96 -1.74 17.50
N ARG A 147 -6.12 -1.12 17.41
CA ARG A 147 -7.15 -1.73 16.57
C ARG A 147 -6.86 -1.50 15.10
N ILE A 148 -6.25 -0.37 14.75
CA ILE A 148 -5.86 -0.14 13.37
C ILE A 148 -4.81 -1.16 12.97
N ILE A 149 -3.84 -1.41 13.84
CA ILE A 149 -2.79 -2.40 13.55
C ILE A 149 -3.42 -3.77 13.33
N ASP A 150 -4.41 -4.11 14.14
CA ASP A 150 -4.92 -5.46 13.97
C ASP A 150 -5.81 -5.56 12.73
N SER A 151 -6.44 -4.46 12.32
CA SER A 151 -7.16 -4.44 11.05
C SER A 151 -6.18 -4.66 9.89
N ALA A 152 -5.00 -4.05 9.97
CA ALA A 152 -4.01 -4.29 8.92
C ALA A 152 -3.57 -5.76 8.93
N ARG A 153 -3.26 -6.30 10.11
CA ARG A 153 -2.87 -7.70 10.25
C ARG A 153 -3.92 -8.65 9.68
N SER A 154 -5.19 -8.48 10.08
CA SER A 154 -6.28 -9.34 9.62
C SER A 154 -6.37 -9.34 8.10
N ALA A 155 -6.21 -8.17 7.48
CA ALA A 155 -6.30 -8.09 6.03
C ALA A 155 -5.13 -8.81 5.37
N TYR A 156 -3.91 -8.48 5.79
CA TYR A 156 -2.73 -9.15 5.25
C TYR A 156 -2.82 -10.66 5.43
N GLN A 157 -3.32 -11.09 6.59
CA GLN A 157 -3.29 -12.51 6.89
C GLN A 157 -4.25 -13.27 5.98
N GLU A 158 -5.43 -12.71 5.73
CA GLU A 158 -6.37 -13.37 4.81
C GLU A 158 -5.81 -13.43 3.41
N ALA A 159 -5.20 -12.33 2.97
CA ALA A 159 -4.54 -12.31 1.67
C ALA A 159 -3.44 -13.36 1.60
N MET A 160 -2.63 -13.46 2.66
CA MET A 160 -1.56 -14.45 2.69
C MET A 160 -2.11 -15.87 2.53
N ASP A 161 -3.17 -16.19 3.28
CA ASP A 161 -3.79 -17.50 3.20
C ASP A 161 -4.23 -17.84 1.78
N ILE A 162 -4.92 -16.92 1.11
CA ILE A 162 -5.37 -17.18 -0.25
C ILE A 162 -4.18 -17.33 -1.19
N SER A 163 -3.19 -16.44 -1.07
CA SER A 163 -2.08 -16.44 -2.02
C SER A 163 -1.30 -17.74 -1.91
N LYS A 164 -1.14 -18.25 -0.69
CA LYS A 164 -0.42 -19.49 -0.52
C LYS A 164 -1.21 -20.68 -1.06
N LYS A 165 -2.54 -20.65 -0.99
CA LYS A 165 -3.33 -21.73 -1.55
C LYS A 165 -3.45 -21.65 -3.07
N GLU A 166 -3.43 -20.44 -3.65
CA GLU A 166 -3.93 -20.26 -5.01
C GLU A 166 -2.92 -19.72 -6.01
N MET A 167 -1.76 -19.23 -5.58
CA MET A 167 -0.80 -18.63 -6.49
C MET A 167 0.56 -19.27 -6.33
N PRO A 168 1.38 -19.26 -7.37
CA PRO A 168 2.73 -19.79 -7.24
C PRO A 168 3.62 -18.83 -6.48
N PRO A 169 4.69 -19.33 -5.88
CA PRO A 169 5.53 -18.48 -5.03
C PRO A 169 6.13 -17.29 -5.74
N THR A 170 6.20 -17.28 -7.07
CA THR A 170 6.79 -16.13 -7.79
C THR A 170 5.74 -15.13 -8.24
N ASN A 171 4.48 -15.39 -7.99
CA ASN A 171 3.42 -14.49 -8.43
C ASN A 171 3.69 -13.08 -7.86
N PRO A 172 3.76 -12.05 -8.72
CA PRO A 172 4.18 -10.73 -8.19
C PRO A 172 3.24 -10.17 -7.15
N ILE A 173 1.95 -10.53 -7.20
CA ILE A 173 1.05 -10.04 -6.17
C ILE A 173 1.35 -10.76 -4.85
N ARG A 174 1.52 -12.07 -4.92
CA ARG A 174 1.94 -12.83 -3.73
C ARG A 174 3.23 -12.26 -3.15
N LEU A 175 4.22 -11.97 -4.02
CA LEU A 175 5.50 -11.46 -3.53
C LEU A 175 5.36 -10.08 -2.89
N GLY A 176 4.66 -9.16 -3.55
CA GLY A 176 4.49 -7.83 -2.99
C GLY A 176 3.68 -7.84 -1.71
N LEU A 177 2.69 -8.73 -1.62
CA LEU A 177 1.96 -8.95 -0.36
C LEU A 177 2.91 -9.34 0.76
N ALA A 178 3.76 -10.37 0.52
CA ALA A 178 4.64 -10.85 1.56
C ALA A 178 5.64 -9.79 1.96
N LEU A 179 6.19 -9.08 0.98
CA LEU A 179 7.07 -7.96 1.27
C LEU A 179 6.38 -6.99 2.21
N ASN A 180 5.17 -6.56 1.86
CA ASN A 180 4.52 -5.51 2.65
C ASN A 180 4.10 -6.03 4.02
N PHE A 181 3.74 -7.31 4.13
CA PHE A 181 3.41 -7.85 5.43
C PHE A 181 4.67 -7.92 6.28
N SER A 182 5.82 -8.20 5.65
CA SER A 182 7.06 -8.24 6.44
C SER A 182 7.41 -6.85 6.93
N VAL A 183 7.15 -5.80 6.13
CA VAL A 183 7.37 -4.43 6.57
C VAL A 183 6.41 -4.07 7.71
N PHE A 184 5.15 -4.46 7.60
CA PHE A 184 4.21 -4.35 8.71
C PHE A 184 4.82 -4.95 9.97
N HIS A 185 5.33 -6.17 9.87
CA HIS A 185 5.79 -6.85 11.06
C HIS A 185 6.96 -6.09 11.66
N TYR A 186 7.84 -5.58 10.79
CA TYR A 186 9.06 -4.98 11.28
C TYR A 186 8.83 -3.58 11.83
N GLU A 187 8.09 -2.76 11.09
CA GLU A 187 7.97 -1.33 11.37
C GLU A 187 6.75 -0.95 12.19
N ILE A 188 5.69 -1.74 12.16
CA ILE A 188 4.42 -1.40 12.81
C ILE A 188 4.17 -2.25 14.03
N ALA A 189 4.31 -3.58 13.90
CA ALA A 189 3.89 -4.51 14.93
C ALA A 189 5.03 -4.93 15.86
N ASN A 190 6.20 -4.33 15.73
CA ASN A 190 7.32 -4.64 16.61
C ASN A 190 7.59 -6.14 16.67
N SER A 191 7.60 -6.77 15.48
CA SER A 191 7.79 -8.22 15.34
C SER A 191 8.93 -8.50 14.36
N PRO A 192 10.13 -8.01 14.63
CA PRO A 192 11.22 -8.17 13.67
C PRO A 192 11.53 -9.62 13.33
N GLU A 193 11.38 -10.54 14.29
CA GLU A 193 11.64 -11.95 14.00
C GLU A 193 10.64 -12.50 13.00
N GLU A 194 9.37 -12.12 13.14
CA GLU A 194 8.40 -12.52 12.13
C GLU A 194 8.75 -11.92 10.77
N ALA A 195 9.16 -10.66 10.75
CA ALA A 195 9.48 -9.99 9.49
C ALA A 195 10.61 -10.71 8.78
N ILE A 196 11.69 -11.00 9.52
CA ILE A 196 12.84 -11.67 8.94
C ILE A 196 12.45 -13.06 8.43
N SER A 197 11.74 -13.81 9.26
CA SER A 197 11.36 -15.17 8.88
C SER A 197 10.51 -15.15 7.60
N LEU A 198 9.55 -14.25 7.53
CA LEU A 198 8.70 -14.17 6.35
C LEU A 198 9.50 -13.78 5.11
N ALA A 199 10.40 -12.80 5.23
CA ALA A 199 11.14 -12.36 4.05
C ALA A 199 12.07 -13.46 3.54
N LYS A 200 12.69 -14.20 4.46
CA LYS A 200 13.58 -15.28 4.06
C LYS A 200 12.82 -16.38 3.34
N THR A 201 11.76 -16.89 3.96
CA THR A 201 10.94 -17.94 3.34
C THR A 201 10.39 -17.49 2.00
N THR A 202 9.91 -16.24 1.93
CA THR A 202 9.36 -15.72 0.68
C THR A 202 10.41 -15.72 -0.42
N PHE A 203 11.61 -15.22 -0.10
CA PHE A 203 12.69 -15.17 -1.10
C PHE A 203 13.11 -16.56 -1.54
N ASP A 204 13.31 -17.47 -0.59
CA ASP A 204 13.85 -18.77 -0.95
C ASP A 204 12.85 -19.56 -1.78
N GLU A 205 11.57 -19.52 -1.41
CA GLU A 205 10.57 -20.24 -2.17
C GLU A 205 10.36 -19.65 -3.55
N ALA A 206 10.48 -18.35 -3.69
CA ALA A 206 10.42 -17.75 -5.02
C ALA A 206 11.64 -18.15 -5.85
N MET A 207 12.83 -18.10 -5.24
CA MET A 207 14.04 -18.47 -5.98
C MET A 207 13.88 -19.85 -6.64
N ALA A 208 13.26 -20.79 -5.93
CA ALA A 208 13.12 -22.16 -6.42
C ALA A 208 12.01 -22.32 -7.43
N ASP A 209 11.20 -21.27 -7.65
CA ASP A 209 10.14 -21.29 -8.64
C ASP A 209 10.49 -20.49 -9.89
N LEU A 210 11.60 -19.77 -9.89
CA LEU A 210 11.97 -18.94 -11.05
C LEU A 210 12.08 -19.77 -12.33
N HIS A 211 12.51 -21.02 -12.21
CA HIS A 211 12.79 -21.80 -13.42
C HIS A 211 11.53 -22.04 -14.23
N THR A 212 10.35 -21.84 -13.62
CA THR A 212 9.11 -22.10 -14.33
C THR A 212 8.65 -20.92 -15.18
N LEU A 213 9.30 -19.77 -15.05
CA LEU A 213 8.85 -18.51 -15.64
C LEU A 213 9.44 -18.23 -17.01
N SER A 214 8.67 -17.51 -17.82
CA SER A 214 9.20 -16.82 -18.98
C SER A 214 10.08 -15.64 -18.56
N GLU A 215 10.81 -15.10 -19.53
CA GLU A 215 11.66 -13.96 -19.23
C GLU A 215 10.84 -12.78 -18.75
N ASP A 216 9.65 -12.58 -19.32
CA ASP A 216 8.79 -11.48 -18.91
C ASP A 216 8.35 -11.63 -17.46
N SER A 217 7.90 -12.81 -17.08
CA SER A 217 7.46 -13.04 -15.71
C SER A 217 8.65 -13.04 -14.74
N TYR A 218 9.76 -13.60 -15.16
CA TYR A 218 10.99 -13.65 -14.35
C TYR A 218 11.39 -12.23 -13.96
N LYS A 219 11.25 -11.26 -14.86
CA LYS A 219 11.65 -9.89 -14.56
C LYS A 219 10.77 -9.31 -13.46
N ASP A 220 9.46 -9.50 -13.57
CA ASP A 220 8.55 -8.97 -12.56
C ASP A 220 8.82 -9.57 -11.19
N SER A 221 8.96 -10.90 -11.13
CA SER A 221 9.22 -11.58 -9.86
C SER A 221 10.54 -11.12 -9.24
N THR A 222 11.65 -11.10 -10.02
CA THR A 222 12.94 -10.79 -9.38
C THR A 222 13.05 -9.35 -8.90
N LEU A 223 12.28 -8.42 -9.47
CA LEU A 223 12.35 -7.04 -8.96
C LEU A 223 11.93 -6.99 -7.49
N ILE A 224 10.85 -7.69 -7.16
CA ILE A 224 10.35 -7.68 -5.79
C ILE A 224 11.25 -8.52 -4.90
N MET A 225 11.82 -9.58 -5.45
CA MET A 225 12.73 -10.39 -4.65
C MET A 225 13.91 -9.57 -4.17
N GLN A 226 14.42 -8.65 -5.01
CA GLN A 226 15.56 -7.83 -4.60
C GLN A 226 15.19 -6.91 -3.44
N LEU A 227 13.94 -6.46 -3.38
CA LEU A 227 13.49 -5.66 -2.25
C LEU A 227 13.47 -6.47 -0.97
N LEU A 228 13.01 -7.73 -1.05
CA LEU A 228 13.09 -8.62 0.11
C LEU A 228 14.53 -8.76 0.56
N ARG A 229 15.44 -9.00 -0.38
CA ARG A 229 16.84 -9.10 -0.03
C ARG A 229 17.36 -7.81 0.59
N ASP A 230 17.02 -6.65 0.00
CA ASP A 230 17.49 -5.38 0.55
C ASP A 230 17.03 -5.20 1.99
N ASN A 231 15.77 -5.55 2.29
CA ASN A 231 15.30 -5.42 3.66
C ASN A 231 16.04 -6.38 4.58
N LEU A 232 16.22 -7.62 4.16
CA LEU A 232 16.93 -8.56 5.03
C LEU A 232 18.31 -8.04 5.38
N THR A 233 18.96 -7.32 4.46
CA THR A 233 20.27 -6.74 4.76
C THR A 233 20.16 -5.66 5.85
N LEU A 234 19.11 -4.84 5.78
CA LEU A 234 18.90 -3.83 6.83
C LEU A 234 18.58 -4.48 8.17
N TRP A 235 17.82 -5.56 8.16
CA TRP A 235 17.24 -6.10 9.38
C TRP A 235 18.13 -7.10 10.10
N THR A 236 19.13 -7.67 9.43
CA THR A 236 19.96 -8.71 10.02
C THR A 236 21.43 -8.27 10.04
N ARG B 1 14.73 3.39 6.16
CA ARG B 1 13.43 2.73 6.27
C ARG B 1 13.46 1.43 5.47
N SER B 2 12.47 0.59 5.75
CA SER B 2 12.26 -0.62 4.98
C SER B 2 11.58 -0.31 3.65
N HIS B 3 11.89 -1.12 2.66
CA HIS B 3 11.27 -1.01 1.34
C HIS B 3 9.97 -1.80 1.27
N SEP B 4 8.93 -1.16 0.73
CA SEP B 4 7.67 -1.84 0.48
CB SEP B 4 6.49 -1.09 1.12
OG SEP B 4 6.44 0.22 0.59
C SEP B 4 7.49 -1.95 -1.02
O SEP B 4 8.31 -1.44 -1.79
P SEP B 4 5.38 1.15 1.38
O1P SEP B 4 5.71 1.28 2.92
O2P SEP B 4 5.49 2.51 0.55
O3P SEP B 4 3.95 0.46 1.16
HA SEP B 4 7.71 -2.74 0.85
HB2 SEP B 4 6.62 -1.06 2.07
HB3 SEP B 4 5.67 -1.55 0.90
N SER B 5 6.44 -2.64 -1.44
CA SER B 5 6.25 -2.94 -2.84
C SER B 5 6.02 -1.70 -3.69
N PRO B 6 6.47 -1.73 -4.95
CA PRO B 6 6.00 -0.72 -5.90
C PRO B 6 4.49 -0.80 -6.08
N ALA B 7 3.93 0.29 -6.62
CA ALA B 7 2.47 0.40 -6.73
C ALA B 7 1.89 -0.59 -7.74
N SER B 8 2.56 -0.78 -8.89
CA SER B 8 2.03 -1.67 -9.92
C SER B 8 2.62 -3.08 -9.78
N LEU B 9 1.75 -4.09 -9.89
CA LEU B 9 2.15 -5.49 -9.71
C LEU B 9 1.45 -6.36 -10.77
N GLN B 10 2.25 -7.11 -11.53
CA GLN B 10 1.71 -7.97 -12.59
C GLN B 10 0.98 -9.19 -12.02
C15 JT2 C . 1.33 -1.06 -15.28
C17 JT2 C . 0.62 1.48 -15.20
C02 JT2 C . -0.51 -2.40 -15.78
C03 JT2 C . 0.83 -2.37 -15.50
C04 JT2 C . 1.55 -3.60 -15.45
C05 JT2 C . 0.92 -4.81 -15.71
C06 JT2 C . -0.43 -4.82 -16.00
C07 JT2 C . -1.14 -3.62 -16.04
C08 JT2 C . -1.18 -6.12 -16.27
C11 JT2 C . 3.58 -3.74 -13.86
C12 JT2 C . 5.08 -3.58 -14.09
C14 JT2 C . 3.32 -5.12 -13.25
C16 JT2 C . 0.40 -0.02 -15.37
N10 JT2 C . 2.98 -3.62 -15.18
N13 JT2 C . 5.35 -2.30 -14.76
N18 JT2 C . 1.32 1.95 -14.28
N19 JT2 C . 0.00 2.36 -16.18
S01 JT2 C . -1.12 -0.76 -15.76
S09 JT2 C . -2.11 -6.40 -14.75
H1 JT2 C . 2.22 -0.90 -15.07
H2 JT2 C . 1.40 -5.59 -15.67
H3 JT2 C . -2.06 -3.64 -16.22
H4 JT2 C . -1.77 -6.02 -17.00
H5 JT2 C . -0.58 -6.83 -16.41
H6 JT2 C . 3.26 -3.06 -13.30
H7 JT2 C . 5.40 -4.28 -14.64
H8 JT2 C . 5.53 -3.61 -13.27
H9 JT2 C . 3.90 -5.74 -13.62
H10 JT2 C . 2.43 -5.37 -13.43
H11 JT2 C . 3.44 -5.07 -12.32
H12 JT2 C . 3.52 -3.56 -15.85
H13 JT2 C . 5.38 -1.67 -14.16
H14 JT2 C . 6.12 -2.35 -15.16
H16 JT2 C . 1.70 1.41 -13.67
H17 JT2 C . 0.11 3.21 -16.11
H18 JT2 C . -0.47 2.03 -16.82
H19 JT2 C . -1.38 -6.49 -13.87
C15 JT2 D . -11.33 3.33 9.42
C17 JT2 D . -12.31 2.94 7.08
C02 JT2 D . -10.17 5.38 9.55
C03 JT2 D . -10.59 4.25 10.19
C04 JT2 D . -10.25 4.05 11.54
C05 JT2 D . -9.53 5.00 12.23
C06 JT2 D . -9.09 6.15 11.56
C07 JT2 D . -9.41 6.34 10.22
C08 JT2 D . -8.27 7.23 12.25
C11 JT2 D . -10.00 1.92 12.88
C12 JT2 D . -10.24 0.53 12.29
C14 JT2 D . -10.46 2.01 14.34
C16 JT2 D . -11.53 3.72 8.11
N10 JT2 D . -10.78 2.83 12.10
N13 JT2 D . -10.35 -0.49 13.33
N18 JT2 D . -12.81 3.51 6.07
N19 JT2 D . -12.48 1.52 7.28
S01 JT2 D . -10.75 5.26 7.92
S09 JT2 D . -9.26 8.74 12.39
H1 JT2 D . -11.67 2.54 9.76
H2 JT2 D . -9.31 4.86 13.13
H3 JT2 D . -9.13 7.12 9.78
H4 JT2 D . -8.02 6.95 13.11
H5 JT2 D . -7.49 7.41 11.75
H6 JT2 D . -9.09 2.13 12.82
H7 JT2 D . -11.03 0.54 11.79
H8 JT2 D . -9.52 0.30 11.73
H9 JT2 D . -10.43 2.92 14.61
H10 JT2 D . -9.88 1.51 14.88
H11 JT2 D . -11.33 1.69 14.42
H12 JT2 D . -11.62 2.64 11.96
H13 JT2 D . -9.80 -0.32 13.96
H14 JT2 D . -11.18 -0.49 13.63
H16 JT2 D . -12.70 4.39 5.97
H17 JT2 D . -12.15 1.14 7.97
H18 JT2 D . -12.93 1.05 6.71
H19 JT2 D . -9.53 9.13 11.34
#